data_7HJP
#
_entry.id   7HJP
#
_cell.length_a   26.058
_cell.length_b   47.046
_cell.length_c   46.355
_cell.angle_alpha   90.000
_cell.angle_beta   103.200
_cell.angle_gamma   90.000
#
_symmetry.space_group_name_H-M   'P 1 21 1'
#
loop_
_entity.id
_entity.type
_entity.pdbx_description
1 polymer 'De novo designed ABLE protein'
2 non-polymer (2-methylquinolin-4-yl)methanol
3 water water
#
_entity_poly.entity_id   1
_entity_poly.type   'polypeptide(L)'
_entity_poly.pdbx_seq_one_letter_code
;SVKSEYAEAAAVGQEAVAVFNTMKAAFQNGDKEAVAQYLARLASLYTRHEELLNRILEKARREGNKEAVTLMNEFTATFQ
TGKSIFNAMVAAFKNGDDDSFESYLQALEKVTAKGETLADQIAKAL
;
_entity_poly.pdbx_strand_id   A
#
# COMPACT_ATOMS: atom_id res chain seq x y z
N SER A 1 0.06 9.88 20.63
CA SER A 1 0.98 10.81 19.96
C SER A 1 0.96 10.57 18.46
N VAL A 2 1.59 11.50 17.74
CA VAL A 2 1.76 11.31 16.32
C VAL A 2 2.56 10.04 16.07
N LYS A 3 3.46 9.69 17.00
N LYS A 3 3.47 9.70 16.99
CA LYS A 3 4.31 8.53 16.80
CA LYS A 3 4.33 8.55 16.78
C LYS A 3 3.51 7.24 16.95
C LYS A 3 3.56 7.25 16.92
N SER A 4 2.59 7.19 17.92
N SER A 4 2.62 7.18 17.85
CA SER A 4 1.71 6.02 18.03
CA SER A 4 1.79 5.99 17.97
C SER A 4 0.77 5.93 16.85
C SER A 4 0.75 5.92 16.85
N GLU A 5 0.28 7.08 16.38
CA GLU A 5 -0.57 7.07 15.22
C GLU A 5 0.20 6.57 14.01
N TYR A 6 1.51 6.83 13.94
CA TYR A 6 2.27 6.30 12.81
C TYR A 6 2.45 4.79 12.92
N ALA A 7 2.65 4.27 14.14
N ALA A 7 2.59 4.27 14.15
CA ALA A 7 2.75 2.83 14.31
CA ALA A 7 2.69 2.82 14.33
C ALA A 7 1.43 2.15 13.96
C ALA A 7 1.42 2.12 13.86
N GLU A 8 0.33 2.80 14.29
N GLU A 8 0.27 2.73 14.10
CA GLU A 8 -0.98 2.32 13.88
CA GLU A 8 -0.99 2.17 13.62
C GLU A 8 -1.10 2.31 12.36
C GLU A 8 -1.05 2.19 12.10
N ALA A 9 -0.66 3.38 11.72
N ALA A 9 -0.60 3.29 11.49
CA ALA A 9 -0.67 3.45 10.27
CA ALA A 9 -0.51 3.33 10.04
C ALA A 9 0.25 2.42 9.67
C ALA A 9 0.49 2.31 9.51
N ALA A 10 1.45 2.23 10.23
N ALA A 10 1.60 2.12 10.22
CA ALA A 10 2.36 1.23 9.71
CA ALA A 10 2.57 1.11 9.79
C ALA A 10 1.74 -0.16 9.74
C ALA A 10 2.00 -0.29 9.91
N ALA A 11 1.04 -0.50 10.81
CA ALA A 11 0.43 -1.83 10.91
C ALA A 11 -0.58 -2.05 9.81
N VAL A 12 -1.41 -1.04 9.53
N VAL A 12 -1.40 -1.04 9.53
CA VAL A 12 -2.32 -1.16 8.40
CA VAL A 12 -2.37 -1.15 8.45
C VAL A 12 -1.54 -1.39 7.12
C VAL A 12 -1.67 -1.34 7.11
N GLY A 13 -0.44 -0.67 6.91
N GLY A 13 -0.56 -0.63 6.89
CA GLY A 13 0.41 -0.96 5.76
CA GLY A 13 0.26 -0.90 5.72
C GLY A 13 0.84 -2.42 5.69
C GLY A 13 0.75 -2.34 5.67
N GLN A 14 1.23 -3.00 6.84
N GLN A 14 1.23 -2.86 6.82
CA GLN A 14 1.69 -4.38 6.81
CA GLN A 14 1.69 -4.25 6.84
C GLN A 14 0.56 -5.35 6.58
C GLN A 14 0.55 -5.20 6.56
N GLU A 15 -0.66 -5.00 7.02
N GLU A 15 -0.69 -4.82 6.90
CA GLU A 15 -1.81 -5.85 6.73
CA GLU A 15 -1.85 -5.64 6.56
C GLU A 15 -2.09 -5.89 5.23
C GLU A 15 -2.03 -5.74 5.06
N ALA A 16 -2.09 -4.72 4.60
N ALA A 16 -1.66 -4.69 4.33
CA ALA A 16 -2.19 -4.66 3.15
CA ALA A 16 -1.75 -4.70 2.87
C ALA A 16 -1.06 -5.43 2.49
C ALA A 16 -0.76 -5.69 2.26
N VAL A 17 0.15 -5.37 3.04
N VAL A 17 0.49 -5.66 2.72
CA VAL A 17 1.23 -6.18 2.51
CA VAL A 17 1.47 -6.61 2.21
C VAL A 17 0.85 -7.66 2.56
C VAL A 17 1.01 -8.04 2.46
N ALA A 18 0.40 -8.10 3.72
N ALA A 18 0.29 -8.25 3.56
CA ALA A 18 0.05 -9.50 3.89
CA ALA A 18 -0.23 -9.58 3.86
C ALA A 18 -1.03 -9.92 2.91
C ALA A 18 -1.31 -9.98 2.85
N VAL A 19 -2.10 -9.13 2.82
N VAL A 19 -2.36 -9.17 2.73
CA VAL A 19 -3.20 -9.46 1.92
CA VAL A 19 -3.44 -9.49 1.80
C VAL A 19 -2.69 -9.48 0.48
C VAL A 19 -2.95 -9.46 0.36
N PHE A 20 -1.87 -8.49 0.11
N PHE A 20 -1.94 -8.65 0.07
CA PHE A 20 -1.34 -8.43 -1.25
CA PHE A 20 -1.37 -8.61 -1.28
C PHE A 20 -0.62 -9.72 -1.62
C PHE A 20 -0.70 -9.93 -1.63
N ASN A 21 0.18 -10.27 -0.70
N ASN A 21 0.19 -10.42 -0.77
CA ASN A 21 0.93 -11.46 -1.05
CA ASN A 21 0.86 -11.68 -1.05
C ASN A 21 0.05 -12.70 -1.12
C ASN A 21 -0.16 -12.81 -1.20
N THR A 22 -1.03 -12.74 -0.34
N THR A 22 -1.16 -12.86 -0.33
CA THR A 22 -2.01 -13.80 -0.49
CA THR A 22 -2.20 -13.87 -0.45
C THR A 22 -2.78 -13.66 -1.80
C THR A 22 -2.94 -13.74 -1.78
N MET A 23 -3.05 -12.42 -2.21
N MET A 23 -3.19 -12.50 -2.21
CA MET A 23 -3.75 -12.17 -3.47
CA MET A 23 -3.84 -12.29 -3.50
C MET A 23 -2.91 -12.59 -4.68
C MET A 23 -2.93 -12.71 -4.65
N LYS A 24 -1.60 -12.33 -4.63
N LYS A 24 -1.64 -12.35 -4.58
CA LYS A 24 -0.70 -12.74 -5.71
CA LYS A 24 -0.68 -12.73 -5.60
C LYS A 24 -0.73 -14.25 -5.89
C LYS A 24 -0.61 -14.25 -5.76
N ALA A 25 -0.62 -14.99 -4.77
N ALA A 25 -0.75 -14.98 -4.66
CA ALA A 25 -0.72 -16.44 -4.82
CA ALA A 25 -0.85 -16.44 -4.73
C ALA A 25 -2.03 -16.88 -5.47
C ALA A 25 -2.12 -16.85 -5.44
N ALA A 26 -3.13 -16.27 -5.07
N ALA A 26 -3.26 -16.26 -5.07
CA ALA A 26 -4.44 -16.61 -5.63
CA ALA A 26 -4.53 -16.57 -5.72
C ALA A 26 -4.50 -16.33 -7.13
C ALA A 26 -4.51 -16.20 -7.20
N PHE A 27 -4.05 -15.16 -7.55
N PHE A 27 -3.82 -15.13 -7.56
CA PHE A 27 -3.99 -14.83 -8.97
CA PHE A 27 -3.69 -14.78 -8.98
C PHE A 27 -3.17 -15.87 -9.73
C PHE A 27 -2.95 -15.87 -9.75
N GLN A 28 -1.98 -16.20 -9.24
N GLN A 28 -1.77 -16.26 -9.25
CA GLN A 28 -1.15 -17.16 -9.95
CA GLN A 28 -1.04 -17.33 -9.92
C GLN A 28 -1.88 -18.50 -10.06
C GLN A 28 -1.91 -18.58 -10.04
N ASN A 29 -2.67 -18.86 -9.05
N ASN A 29 -2.55 -18.98 -8.95
CA ASN A 29 -3.46 -20.09 -9.07
CA ASN A 29 -3.30 -20.23 -8.91
C ASN A 29 -4.73 -19.99 -9.90
C ASN A 29 -4.62 -20.18 -9.66
N GLY A 30 -5.07 -18.82 -10.41
N GLY A 30 -5.00 -19.02 -10.21
CA GLY A 30 -6.26 -18.69 -11.21
CA GLY A 30 -6.23 -18.94 -10.97
C GLY A 30 -7.56 -18.63 -10.45
C GLY A 30 -7.49 -18.94 -10.11
N ASP A 31 -7.50 -18.44 -9.12
N ASP A 31 -7.42 -18.41 -8.89
CA ASP A 31 -8.67 -18.44 -8.24
CA ASP A 31 -8.58 -18.32 -8.00
C ASP A 31 -9.22 -17.01 -8.22
C ASP A 31 -9.19 -16.93 -8.13
N LYS A 32 -9.94 -16.66 -9.27
N LYS A 32 -9.87 -16.71 -9.26
CA LYS A 32 -10.36 -15.29 -9.48
CA LYS A 32 -10.35 -15.38 -9.58
C LYS A 32 -11.36 -14.85 -8.44
C LYS A 32 -11.34 -14.88 -8.54
N GLU A 33 -12.15 -15.77 -7.90
N GLU A 33 -12.17 -15.78 -8.01
CA GLU A 33 -13.13 -15.39 -6.89
CA GLU A 33 -13.10 -15.37 -6.97
C GLU A 33 -12.43 -14.92 -5.62
C GLU A 33 -12.36 -14.81 -5.77
N ALA A 34 -11.31 -15.55 -5.28
N ALA A 34 -11.28 -15.48 -5.35
CA ALA A 34 -10.50 -15.07 -4.17
CA ALA A 34 -10.49 -15.00 -4.22
C ALA A 34 -9.86 -13.73 -4.50
C ALA A 34 -9.82 -13.67 -4.55
N VAL A 35 -9.29 -13.62 -5.71
N VAL A 35 -9.23 -13.56 -5.74
CA VAL A 35 -8.64 -12.36 -6.08
CA VAL A 35 -8.56 -12.31 -6.11
C VAL A 35 -9.61 -11.19 -5.95
C VAL A 35 -9.53 -11.14 -6.00
N ALA A 36 -10.83 -11.36 -6.46
N ALA A 36 -10.76 -11.31 -6.49
CA ALA A 36 -11.80 -10.26 -6.37
CA ALA A 36 -11.73 -10.22 -6.44
C ALA A 36 -12.01 -9.82 -4.93
C ALA A 36 -11.96 -9.75 -5.00
N GLN A 37 -12.10 -10.78 -4.01
N GLN A 37 -12.17 -10.71 -4.10
CA GLN A 37 -12.31 -10.44 -2.61
CA GLN A 37 -12.39 -10.35 -2.69
C GLN A 37 -11.09 -9.75 -2.01
C GLN A 37 -11.15 -9.73 -2.08
N TYR A 38 -9.89 -10.25 -2.28
N TYR A 38 -9.97 -10.28 -2.38
CA TYR A 38 -8.69 -9.60 -1.76
CA TYR A 38 -8.73 -9.69 -1.88
C TYR A 38 -8.50 -8.20 -2.34
C TYR A 38 -8.57 -8.26 -2.40
N LEU A 39 -8.92 -7.98 -3.60
N LEU A 39 -8.83 -8.04 -3.69
CA LEU A 39 -8.83 -6.64 -4.17
CA LEU A 39 -8.65 -6.69 -4.25
C LEU A 39 -9.78 -5.67 -3.45
C LEU A 39 -9.57 -5.68 -3.58
N ALA A 40 -10.97 -6.14 -3.08
N ALA A 40 -10.84 -6.07 -3.33
CA ALA A 40 -11.85 -5.33 -2.25
CA ALA A 40 -11.74 -5.16 -2.62
C ALA A 40 -11.18 -5.02 -0.91
C ALA A 40 -11.24 -4.89 -1.20
N ARG A 41 -10.58 -6.03 -0.29
N ARG A 41 -10.77 -5.92 -0.51
CA ARG A 41 -9.95 -5.85 1.02
CA ARG A 41 -10.18 -5.72 0.82
C ARG A 41 -8.78 -4.88 0.95
C ARG A 41 -8.98 -4.77 0.75
N LEU A 42 -7.94 -5.02 -0.08
N LEU A 42 -8.11 -4.97 -0.24
CA LEU A 42 -6.85 -4.08 -0.28
CA LEU A 42 -6.95 -4.11 -0.40
C LEU A 42 -7.35 -2.68 -0.59
C LEU A 42 -7.36 -2.65 -0.59
N ALA A 43 -8.49 -2.53 -1.26
N ALA A 43 -8.34 -2.41 -1.48
CA ALA A 43 -8.99 -1.18 -1.51
CA ALA A 43 -8.77 -1.03 -1.69
C ALA A 43 -9.31 -0.50 -0.19
C ALA A 43 -9.21 -0.41 -0.37
N SER A 44 -9.99 -1.23 0.69
N SER A 44 -9.82 -1.20 0.50
CA SER A 44 -10.39 -0.67 1.97
CA SER A 44 -10.19 -0.71 1.82
C SER A 44 -9.18 -0.34 2.83
C SER A 44 -8.95 -0.36 2.64
N LEU A 45 -8.16 -1.19 2.76
N LEU A 45 -7.98 -1.26 2.68
CA LEU A 45 -6.96 -0.96 3.55
CA LEU A 45 -6.77 -1.04 3.47
C LEU A 45 -6.22 0.28 3.04
C LEU A 45 -5.93 0.10 2.92
N TYR A 46 -5.95 0.34 1.74
N TYR A 46 -5.94 0.32 1.61
CA TYR A 46 -5.26 1.50 1.22
CA TYR A 46 -5.24 1.48 1.06
C TYR A 46 -6.04 2.78 1.46
C TYR A 46 -5.89 2.77 1.52
N THR A 47 -7.37 2.73 1.35
N THR A 47 -7.23 2.86 1.42
CA THR A 47 -8.16 3.91 1.66
CA THR A 47 -7.92 4.07 1.85
C THR A 47 -7.96 4.36 3.10
C THR A 47 -7.62 4.37 3.31
N ARG A 48 -7.87 3.39 4.03
N ARG A 48 -7.76 3.36 4.17
CA ARG A 48 -7.65 3.72 5.44
CA ARG A 48 -7.50 3.56 5.59
C ARG A 48 -6.22 4.22 5.67
C ARG A 48 -6.08 4.04 5.83
N HIS A 49 -5.24 3.55 5.07
N HIS A 49 -5.11 3.41 5.19
CA HIS A 49 -3.85 3.98 5.19
CA HIS A 49 -3.71 3.80 5.40
C HIS A 49 -3.71 5.44 4.72
C HIS A 49 -3.48 5.23 4.95
N GLU A 50 -4.20 5.71 3.50
N GLU A 50 -4.14 5.64 3.87
CA GLU A 50 -4.10 7.04 2.93
CA GLU A 50 -3.95 7.00 3.38
C GLU A 50 -4.63 8.10 3.89
C GLU A 50 -4.55 8.01 4.35
N GLU A 51 -5.76 7.81 4.54
N GLU A 51 -5.66 7.65 5.00
CA GLU A 51 -6.38 8.79 5.43
CA GLU A 51 -6.22 8.59 5.97
C GLU A 51 -5.57 8.98 6.70
C GLU A 51 -5.30 8.75 7.17
N LEU A 52 -5.08 7.89 7.28
N LEU A 52 -4.67 7.66 7.60
CA LEU A 52 -4.19 7.98 8.44
CA LEU A 52 -3.74 7.77 8.73
C LEU A 52 -2.95 8.78 8.11
C LEU A 52 -2.48 8.54 8.34
N LEU A 53 -2.36 8.52 6.94
N LEU A 53 -1.97 8.34 7.13
CA LEU A 53 -1.17 9.24 6.51
CA LEU A 53 -0.78 9.06 6.71
C LEU A 53 -1.46 10.72 6.39
C LEU A 53 -1.07 10.53 6.53
N ASN A 54 -2.63 11.09 5.89
N ASN A 54 -2.27 10.89 6.09
CA ASN A 54 -2.95 12.49 5.76
CA ASN A 54 -2.57 12.30 5.87
C ASN A 54 -3.01 13.13 7.13
C ASN A 54 -2.78 13.01 7.21
N ARG A 55 -3.58 12.42 8.10
CA ARG A 55 -3.70 12.97 9.44
C ARG A 55 -2.35 13.16 10.10
N ILE A 56 -1.44 12.21 9.90
CA ILE A 56 -0.10 12.31 10.44
C ILE A 56 0.62 13.51 9.84
N LEU A 57 0.51 13.68 8.52
CA LEU A 57 1.18 14.78 7.86
C LEU A 57 0.61 16.10 8.34
N GLU A 58 -0.71 16.23 8.40
CA GLU A 58 -1.30 17.46 8.88
C GLU A 58 -0.85 17.77 10.31
N LYS A 59 -0.72 16.74 11.15
CA LYS A 59 -0.30 16.97 12.54
C LYS A 59 1.18 17.39 12.60
N ALA A 60 2.03 16.70 11.86
CA ALA A 60 3.42 17.13 11.78
C ALA A 60 3.52 18.59 11.33
N ARG A 61 2.65 19.02 10.42
CA ARG A 61 2.65 20.42 9.97
C ARG A 61 2.23 21.36 11.07
N ARG A 62 1.18 20.99 11.81
CA ARG A 62 0.70 21.84 12.90
C ARG A 62 1.75 21.92 14.02
N GLU A 63 2.55 20.87 14.17
CA GLU A 63 3.61 20.78 15.15
C GLU A 63 4.86 21.51 14.72
N GLY A 64 4.93 21.98 13.48
CA GLY A 64 6.13 22.61 12.96
C GLY A 64 7.31 21.66 12.79
N ASN A 65 7.07 20.36 12.62
CA ASN A 65 8.15 19.37 12.54
C ASN A 65 8.62 19.30 11.11
N LYS A 66 9.49 20.24 10.75
N LYS A 66 9.49 20.24 10.75
CA LYS A 66 9.82 20.42 9.34
CA LYS A 66 9.83 20.44 9.34
C LYS A 66 10.38 19.16 8.71
C LYS A 66 10.38 19.16 8.73
N GLU A 67 11.29 18.49 9.42
CA GLU A 67 11.86 17.27 8.83
C GLU A 67 10.79 16.22 8.62
N ALA A 68 9.90 16.01 9.59
CA ALA A 68 8.88 14.99 9.39
C ALA A 68 7.93 15.39 8.26
N VAL A 69 7.66 16.69 8.11
CA VAL A 69 6.80 17.14 7.00
C VAL A 69 7.46 16.86 5.66
N THR A 70 8.76 17.15 5.53
CA THR A 70 9.48 16.86 4.27
C THR A 70 9.35 15.41 3.92
N LEU A 71 9.63 14.54 4.90
CA LEU A 71 9.65 13.11 4.65
C LEU A 71 8.26 12.59 4.35
N MET A 72 7.26 13.07 5.07
CA MET A 72 5.88 12.66 4.81
C MET A 72 5.38 13.18 3.46
N ASN A 73 5.76 14.40 3.06
N ASN A 73 5.77 14.39 3.06
CA ASN A 73 5.36 14.86 1.73
CA ASN A 73 5.49 14.81 1.69
C ASN A 73 5.88 13.95 0.64
C ASN A 73 6.11 13.85 0.69
N GLU A 74 7.13 13.49 0.75
N GLU A 74 7.37 13.45 0.93
CA GLU A 74 7.69 12.58 -0.22
CA GLU A 74 8.04 12.54 0.02
C GLU A 74 6.99 11.23 -0.12
C GLU A 74 7.40 11.16 0.03
N PHE A 75 6.85 10.73 1.11
N PHE A 75 6.73 10.79 1.12
CA PHE A 75 6.28 9.40 1.31
CA PHE A 75 6.07 9.50 1.18
C PHE A 75 4.87 9.31 0.74
C PHE A 75 4.62 9.57 0.71
N THR A 76 4.05 10.35 0.97
N THR A 76 3.92 10.66 1.00
CA THR A 76 2.70 10.34 0.43
CA THR A 76 2.55 10.77 0.51
C THR A 76 2.72 10.46 -1.10
C THR A 76 2.51 10.92 -1.00
N ALA A 77 3.70 11.14 -1.66
N ALA A 77 3.58 11.41 -1.61
CA ALA A 77 3.76 11.17 -3.11
CA ALA A 77 3.66 11.41 -3.07
C ALA A 77 4.00 9.77 -3.66
C ALA A 77 3.78 9.99 -3.59
N THR A 78 4.91 9.03 -3.04
N THR A 78 4.81 9.26 -3.12
CA THR A 78 5.13 7.65 -3.44
CA THR A 78 5.05 7.93 -3.63
C THR A 78 3.87 6.82 -3.21
C THR A 78 3.89 6.98 -3.30
N PHE A 79 3.19 7.04 -2.10
N PHE A 79 3.12 7.30 -2.26
CA PHE A 79 1.95 6.29 -1.85
CA PHE A 79 1.92 6.51 -1.96
C PHE A 79 0.98 6.46 -3.01
C PHE A 79 0.90 6.62 -3.08
N GLN A 80 0.82 7.70 -3.52
N GLN A 80 0.79 7.82 -3.69
CA GLN A 80 -0.09 7.94 -4.63
CA GLN A 80 -0.12 7.97 -4.82
C GLN A 80 0.36 7.24 -5.91
C GLN A 80 0.36 7.18 -6.03
N THR A 81 1.66 7.04 -6.11
N THR A 81 1.67 6.95 -6.16
CA THR A 81 2.13 6.20 -7.21
CA THR A 81 2.19 6.20 -7.30
C THR A 81 1.59 4.80 -7.03
C THR A 81 1.81 4.73 -7.21
N GLY A 82 1.77 4.25 -5.83
N GLY A 82 1.98 4.15 -6.03
CA GLY A 82 1.21 2.94 -5.52
CA GLY A 82 1.53 2.78 -5.82
C GLY A 82 -0.28 2.88 -5.79
C GLY A 82 0.02 2.64 -5.83
N LYS A 83 -1.02 3.84 -5.27
N LYS A 83 -0.69 3.70 -5.44
CA LYS A 83 -2.47 3.84 -5.45
CA LYS A 83 -2.15 3.66 -5.48
C LYS A 83 -2.84 3.85 -6.92
C LYS A 83 -2.66 3.69 -6.92
N SER A 84 -2.12 4.60 -7.75
CA SER A 84 -2.44 4.63 -9.17
C SER A 84 -2.17 3.27 -9.81
N ILE A 85 -1.07 2.64 -9.46
CA ILE A 85 -0.76 1.35 -10.04
C ILE A 85 -1.75 0.31 -9.54
N PHE A 86 -2.12 0.38 -8.26
CA PHE A 86 -3.12 -0.51 -7.72
C PHE A 86 -4.42 -0.38 -8.49
N ASN A 87 -4.83 0.85 -8.73
CA ASN A 87 -6.11 1.04 -9.41
C ASN A 87 -6.04 0.48 -10.84
N ALA A 88 -4.89 0.63 -11.48
CA ALA A 88 -4.71 0.06 -12.82
C ALA A 88 -4.78 -1.46 -12.76
N MET A 89 -4.21 -2.03 -11.70
CA MET A 89 -4.29 -3.47 -11.50
C MET A 89 -5.74 -3.93 -11.40
N VAL A 90 -6.53 -3.21 -10.60
CA VAL A 90 -7.94 -3.54 -10.41
C VAL A 90 -8.67 -3.49 -11.74
N ALA A 91 -8.34 -2.50 -12.56
CA ALA A 91 -8.98 -2.37 -13.86
C ALA A 91 -8.55 -3.51 -14.79
N ALA A 92 -7.28 -3.92 -14.70
CA ALA A 92 -6.83 -5.05 -15.50
C ALA A 92 -7.58 -6.29 -15.09
N PHE A 93 -7.85 -6.46 -13.81
CA PHE A 93 -8.60 -7.64 -13.39
C PHE A 93 -10.04 -7.60 -13.93
N LYS A 94 -10.68 -6.44 -13.84
N LYS A 94 -10.68 -6.45 -13.84
CA LYS A 94 -12.02 -6.29 -14.39
CA LYS A 94 -12.04 -6.29 -14.38
C LYS A 94 -12.05 -6.61 -15.86
C LYS A 94 -12.06 -6.57 -15.87
N ASN A 95 -11.01 -6.19 -16.57
CA ASN A 95 -10.93 -6.34 -18.03
C ASN A 95 -10.50 -7.72 -18.47
N GLY A 96 -10.12 -8.60 -17.55
CA GLY A 96 -9.55 -9.89 -17.91
C GLY A 96 -8.18 -9.82 -18.55
N ASP A 97 -7.41 -8.78 -18.29
CA ASP A 97 -6.11 -8.62 -18.92
C ASP A 97 -5.05 -9.10 -17.94
N ASP A 98 -4.75 -10.40 -17.98
N ASP A 98 -4.78 -10.41 -17.96
CA ASP A 98 -3.78 -10.94 -17.02
CA ASP A 98 -3.83 -10.99 -17.02
C ASP A 98 -2.38 -10.44 -17.29
C ASP A 98 -2.41 -10.49 -17.28
N ASP A 99 -2.05 -10.10 -18.55
N ASP A 99 -2.09 -10.13 -18.53
CA ASP A 99 -0.72 -9.57 -18.83
CA ASP A 99 -0.76 -9.59 -18.82
C ASP A 99 -0.52 -8.24 -18.13
C ASP A 99 -0.55 -8.28 -18.10
N SER A 100 -1.52 -7.36 -18.23
CA SER A 100 -1.42 -6.08 -17.54
C SER A 100 -1.46 -6.28 -16.03
N PHE A 101 -2.24 -7.24 -15.55
CA PHE A 101 -2.31 -7.48 -14.12
C PHE A 101 -0.95 -7.88 -13.57
N GLU A 102 -0.26 -8.80 -14.27
CA GLU A 102 1.07 -9.22 -13.85
C GLU A 102 2.04 -8.05 -13.81
N SER A 103 2.05 -7.23 -14.86
N SER A 103 2.04 -7.23 -14.86
CA SER A 103 2.91 -6.06 -14.92
CA SER A 103 2.91 -6.06 -14.92
C SER A 103 2.67 -5.15 -13.74
C SER A 103 2.68 -5.13 -13.74
N TYR A 104 1.44 -4.65 -13.61
CA TYR A 104 1.08 -3.78 -12.50
C TYR A 104 1.45 -4.39 -11.17
N LEU A 105 1.23 -5.70 -11.00
N LEU A 105 1.16 -5.68 -10.98
CA LEU A 105 1.53 -6.34 -9.71
CA LEU A 105 1.49 -6.34 -9.72
C LEU A 105 3.01 -6.18 -9.35
C LEU A 105 2.99 -6.31 -9.48
N GLN A 106 3.91 -6.53 -10.28
N GLN A 106 3.79 -6.45 -10.54
CA GLN A 106 5.34 -6.43 -10.03
CA GLN A 106 5.23 -6.33 -10.40
C GLN A 106 5.78 -4.98 -9.79
C GLN A 106 5.65 -4.90 -10.08
N ALA A 107 5.19 -4.04 -10.53
N ALA A 107 5.02 -3.92 -10.74
CA ALA A 107 5.54 -2.64 -10.36
CA ALA A 107 5.39 -2.53 -10.50
C ALA A 107 5.12 -2.16 -8.98
C ALA A 107 5.05 -2.11 -9.08
N LEU A 108 3.95 -2.60 -8.52
N LEU A 108 3.89 -2.55 -8.58
CA LEU A 108 3.49 -2.20 -7.20
CA LEU A 108 3.49 -2.19 -7.23
C LEU A 108 4.40 -2.76 -6.13
C LEU A 108 4.50 -2.71 -6.22
N GLU A 109 4.95 -3.96 -6.35
N GLU A 109 5.03 -3.91 -6.45
CA GLU A 109 5.92 -4.52 -5.43
CA GLU A 109 6.00 -4.49 -5.54
C GLU A 109 7.19 -3.69 -5.37
C GLU A 109 7.27 -3.63 -5.46
N LYS A 110 7.75 -3.31 -6.53
N LYS A 110 7.70 -3.05 -6.58
CA LYS A 110 8.99 -2.57 -6.55
CA LYS A 110 8.89 -2.20 -6.54
C LYS A 110 8.82 -1.16 -6.00
C LYS A 110 8.57 -0.87 -5.88
N VAL A 111 7.71 -0.50 -6.36
N VAL A 111 7.36 -0.34 -6.12
CA VAL A 111 7.41 0.80 -5.77
CA VAL A 111 6.98 0.95 -5.53
C VAL A 111 7.36 0.69 -4.25
C VAL A 111 6.90 0.84 -4.01
N THR A 112 6.68 -0.34 -3.75
N THR A 112 6.37 -0.27 -3.51
CA THR A 112 6.52 -0.50 -2.30
CA THR A 112 6.29 -0.47 -2.06
C THR A 112 7.86 -0.80 -1.63
C THR A 112 7.67 -0.72 -1.48
N ALA A 113 8.66 -1.68 -2.23
N ALA A 113 8.52 -1.43 -2.21
CA ALA A 113 9.94 -2.03 -1.62
CA ALA A 113 9.86 -1.72 -1.70
C ALA A 113 10.86 -0.81 -1.54
C ALA A 113 10.73 -0.47 -1.68
N LYS A 114 10.89 0.01 -2.59
N LYS A 114 10.66 0.34 -2.73
CA LYS A 114 11.73 1.20 -2.58
CA LYS A 114 11.45 1.57 -2.76
C LYS A 114 11.36 2.08 -1.39
C LYS A 114 10.99 2.56 -1.70
N GLY A 115 10.07 2.38 -1.25
N GLY A 115 9.78 2.40 -1.17
CA GLY A 115 9.62 3.35 -0.25
CA GLY A 115 9.25 3.29 -0.16
C GLY A 115 9.82 2.93 1.18
C GLY A 115 9.49 2.84 1.26
N GLU A 116 10.48 1.80 1.41
N GLU A 116 10.31 1.82 1.49
CA GLU A 116 10.57 1.27 2.77
CA GLU A 116 10.48 1.29 2.84
C GLU A 116 11.61 1.99 3.61
C GLU A 116 11.56 2.02 3.62
N THR A 117 12.72 2.40 3.01
N THR A 117 12.67 2.39 2.98
CA THR A 117 13.72 3.12 3.79
CA THR A 117 13.68 3.14 3.71
C THR A 117 13.16 4.45 4.27
C THR A 117 13.15 4.50 4.14
N LEU A 118 12.35 5.11 3.44
N LEU A 118 12.28 5.11 3.34
CA LEU A 118 11.70 6.35 3.84
CA LEU A 118 11.65 6.36 3.73
C LEU A 118 10.66 6.11 4.93
C LEU A 118 10.61 6.15 4.83
N ALA A 119 9.91 5.01 4.82
N ALA A 119 9.88 5.04 4.76
CA ALA A 119 8.93 4.68 5.86
CA ALA A 119 8.89 4.76 5.80
C ALA A 119 9.61 4.57 7.21
C ALA A 119 9.56 4.61 7.16
N ASP A 120 10.79 3.94 7.26
N ASP A 120 10.75 4.01 7.20
CA ASP A 120 11.47 3.82 8.54
CA ASP A 120 11.45 3.88 8.47
C ASP A 120 12.01 5.16 9.01
C ASP A 120 12.04 5.20 8.94
N GLN A 121 12.41 6.03 8.08
N GLN A 121 12.46 6.06 8.00
CA GLN A 121 12.93 7.35 8.47
CA GLN A 121 12.93 7.39 8.39
C GLN A 121 11.86 8.22 9.10
C GLN A 121 11.85 8.15 9.15
N ILE A 122 10.62 8.11 8.63
CA ILE A 122 9.53 8.88 9.22
C ILE A 122 9.30 8.45 10.66
N ALA A 123 9.26 7.15 10.89
CA ALA A 123 9.12 6.65 12.25
C ALA A 123 10.09 7.36 13.17
N LYS A 124 11.34 7.53 12.74
N LYS A 124 11.34 7.53 12.74
CA LYS A 124 12.35 8.13 13.60
CA LYS A 124 12.36 8.13 13.58
C LYS A 124 12.21 9.64 13.68
C LYS A 124 12.26 9.65 13.66
N ALA A 125 11.51 10.26 12.74
N ALA A 125 11.50 10.27 12.76
CA ALA A 125 11.47 11.71 12.68
CA ALA A 125 11.46 11.73 12.71
C ALA A 125 10.33 12.32 13.48
C ALA A 125 10.30 12.33 13.49
N LEU A 126 9.27 11.57 13.74
N LEU A 126 9.24 11.56 13.75
CA LEU A 126 8.05 12.17 14.25
CA LEU A 126 8.04 12.11 14.37
C LEU A 126 8.12 12.68 15.68
C LEU A 126 8.22 12.37 15.85
#